data_3WEA
#
_entry.id   3WEA
#
_cell.length_a   40.430
_cell.length_b   35.652
_cell.length_c   104.930
_cell.angle_alpha   90.00
_cell.angle_beta   92.33
_cell.angle_gamma   90.00
#
_symmetry.space_group_name_H-M   'P 1 21 1'
#
loop_
_entity.id
_entity.type
_entity.pdbx_description
1 polymer 'Niemann-Pick type C2 protein'
2 water water
#
_entity_poly.entity_id   1
_entity_poly.type   'polypeptide(L)'
_entity_poly.pdbx_seq_one_letter_code
;FVFEDCGSEVGKFSDIIISSCDPSEEKCSIIRESEIHVSMKFTPSVDVKNVEAKAFGVLLDVPVPFPLKKPEICKDPDSG
VKCPLKKDVEIEYKVTFFVEKATPALSLEIMWEFRNEKDEKITCVKFPAKIK
;
_entity_poly.pdbx_strand_id   A,B
#
# COMPACT_ATOMS: atom_id res chain seq x y z
N PHE A 1 -2.08 -7.68 22.92
CA PHE A 1 -1.50 -6.68 21.99
C PHE A 1 -1.71 -5.29 22.55
N VAL A 2 -0.97 -4.34 22.00
CA VAL A 2 -1.01 -2.97 22.46
C VAL A 2 -1.61 -2.06 21.40
N PHE A 3 -2.46 -1.13 21.80
CA PHE A 3 -2.87 -0.05 20.89
C PHE A 3 -1.81 1.03 21.00
N GLU A 4 -0.91 1.03 20.05
CA GLU A 4 0.32 1.79 20.19
C GLU A 4 0.10 3.20 19.69
N ASP A 5 0.74 4.16 20.35
CA ASP A 5 0.67 5.56 19.94
C ASP A 5 1.75 5.85 18.89
N CYS A 6 1.32 6.06 17.65
CA CYS A 6 2.25 6.36 16.56
C CYS A 6 2.56 7.86 16.39
N GLY A 7 2.34 8.63 17.46
CA GLY A 7 2.71 10.05 17.54
C GLY A 7 1.59 10.98 17.07
N SER A 8 1.21 11.93 17.93
CA SER A 8 0.18 12.92 17.58
C SER A 8 0.38 14.27 18.30
N GLU A 9 0.62 15.33 17.53
CA GLU A 9 1.07 16.59 18.12
C GLU A 9 -0.01 17.47 18.80
N VAL A 10 -1.27 17.31 18.39
CA VAL A 10 -2.38 18.12 18.90
C VAL A 10 -3.50 17.32 19.59
N GLY A 11 -3.15 16.19 20.19
CA GLY A 11 -4.14 15.36 20.86
C GLY A 11 -3.57 14.07 21.40
N LYS A 12 -4.44 13.32 22.08
CA LYS A 12 -4.13 11.95 22.56
C LYS A 12 -5.40 11.15 22.59
N PHE A 13 -5.23 9.83 22.73
CA PHE A 13 -6.35 8.88 22.92
C PHE A 13 -6.10 8.09 24.19
N SER A 14 -7.20 7.69 24.84
CA SER A 14 -7.08 7.00 26.11
C SER A 14 -7.46 5.51 26.05
N ASP A 15 -8.53 5.19 25.32
CA ASP A 15 -9.06 3.83 25.23
C ASP A 15 -9.51 3.56 23.79
N ILE A 16 -9.28 2.35 23.30
CA ILE A 16 -9.85 1.88 22.02
C ILE A 16 -10.53 0.54 22.29
N ILE A 17 -11.71 0.37 21.71
CA ILE A 17 -12.49 -0.88 21.81
C ILE A 17 -12.84 -1.32 20.38
N ILE A 18 -12.39 -2.51 20.01
CA ILE A 18 -12.77 -3.09 18.73
C ILE A 18 -13.55 -4.35 19.02
N SER A 19 -14.80 -4.37 18.58
CA SER A 19 -15.72 -5.47 18.91
C SER A 19 -15.22 -6.90 18.64
N SER A 20 -14.38 -7.10 17.60
CA SER A 20 -13.96 -8.46 17.28
C SER A 20 -12.71 -9.00 18.01
N CYS A 21 -12.22 -8.26 19.02
CA CYS A 21 -10.95 -8.59 19.64
C CYS A 21 -10.80 -8.03 21.06
N ASP A 22 -10.02 -8.75 21.87
CA ASP A 22 -9.66 -8.34 23.23
C ASP A 22 -8.17 -8.06 23.16
N PRO A 23 -7.70 -7.07 23.92
CA PRO A 23 -6.26 -6.83 23.83
C PRO A 23 -5.43 -7.86 24.63
N SER A 24 -6.08 -8.85 25.23
CA SER A 24 -5.34 -9.97 25.83
C SER A 24 -4.76 -10.89 24.77
N GLU A 25 -5.19 -10.69 23.53
CA GLU A 25 -4.81 -11.58 22.39
C GLU A 25 -3.55 -11.16 21.66
N GLU A 26 -2.87 -12.10 20.98
CA GLU A 26 -1.68 -11.73 20.18
C GLU A 26 -1.98 -10.68 19.11
N LYS A 27 -3.12 -10.80 18.44
CA LYS A 27 -3.49 -9.88 17.37
C LYS A 27 -4.96 -9.57 17.37
N CYS A 28 -5.38 -8.52 16.66
CA CYS A 28 -6.82 -8.27 16.48
C CYS A 28 -7.35 -9.04 15.29
N SER A 29 -8.15 -10.08 15.55
CA SER A 29 -8.74 -10.87 14.46
C SER A 29 -9.91 -10.12 13.87
N ILE A 30 -9.91 -9.94 12.55
CA ILE A 30 -10.97 -9.27 11.82
C ILE A 30 -11.63 -10.31 10.90
N ILE A 31 -12.91 -10.60 11.13
CA ILE A 31 -13.64 -11.59 10.35
C ILE A 31 -14.28 -10.94 9.13
N ARG A 32 -13.91 -11.41 7.94
CA ARG A 32 -14.55 -10.97 6.70
C ARG A 32 -16.07 -11.15 6.77
N GLU A 33 -16.78 -10.16 6.25
CA GLU A 33 -18.23 -10.22 6.11
C GLU A 33 -19.01 -10.12 7.41
N SER A 34 -18.40 -9.55 8.45
CA SER A 34 -19.12 -9.30 9.67
C SER A 34 -19.00 -7.83 10.03
N GLU A 35 -19.95 -7.33 10.80
CA GLU A 35 -19.93 -5.95 11.22
C GLU A 35 -19.00 -5.81 12.41
N ILE A 36 -18.03 -4.91 12.30
CA ILE A 36 -17.09 -4.61 13.39
C ILE A 36 -17.43 -3.23 13.92
N HIS A 37 -17.55 -3.14 15.25
CA HIS A 37 -17.78 -1.87 15.94
C HIS A 37 -16.48 -1.41 16.56
N VAL A 38 -16.16 -0.15 16.29
CA VAL A 38 -14.98 0.53 16.84
C VAL A 38 -15.35 1.77 17.66
N SER A 39 -14.71 1.90 18.81
CA SER A 39 -14.86 3.04 19.72
C SER A 39 -13.48 3.59 20.05
N MET A 40 -13.33 4.91 20.03
CA MET A 40 -12.09 5.56 20.44
C MET A 40 -12.39 6.79 21.31
N LYS A 41 -11.91 6.75 22.56
CA LYS A 41 -12.04 7.88 23.43
C LYS A 41 -10.79 8.72 23.24
N PHE A 42 -10.95 9.99 22.90
CA PHE A 42 -9.78 10.88 22.68
C PHE A 42 -9.99 12.35 23.13
N THR A 43 -8.88 13.09 23.29
CA THR A 43 -8.88 14.45 23.78
C THR A 43 -7.93 15.28 22.93
N PRO A 44 -8.45 16.29 22.21
CA PRO A 44 -7.51 17.20 21.51
C PRO A 44 -6.86 18.14 22.52
N SER A 45 -5.62 18.60 22.25
CA SER A 45 -4.93 19.55 23.13
C SER A 45 -5.12 20.99 22.66
N VAL A 46 -5.80 21.16 21.51
CA VAL A 46 -6.20 22.47 20.94
C VAL A 46 -7.68 22.39 20.50
N ASP A 47 -8.34 23.54 20.35
CA ASP A 47 -9.62 23.57 19.71
C ASP A 47 -9.37 23.08 18.29
N VAL A 48 -10.22 22.17 17.82
CA VAL A 48 -10.12 21.64 16.44
C VAL A 48 -11.36 22.07 15.67
N LYS A 49 -11.17 22.66 14.49
CA LYS A 49 -12.28 23.13 13.67
C LYS A 49 -12.91 22.06 12.74
N ASN A 50 -12.09 21.14 12.26
CA ASN A 50 -12.55 20.03 11.41
C ASN A 50 -11.65 18.81 11.61
N VAL A 51 -12.22 17.61 11.57
CA VAL A 51 -11.42 16.36 11.65
C VAL A 51 -11.41 15.56 10.33
N GLU A 52 -10.22 15.22 9.84
CA GLU A 52 -10.08 14.27 8.73
C GLU A 52 -9.41 12.97 9.19
N ALA A 53 -10.14 11.85 9.04
CA ALA A 53 -9.61 10.53 9.37
C ALA A 53 -8.85 9.93 8.20
N LYS A 54 -7.84 9.12 8.50
CA LYS A 54 -7.01 8.41 7.51
C LYS A 54 -6.76 7.00 8.05
N ALA A 55 -6.93 5.99 7.20
CA ALA A 55 -6.55 4.64 7.60
C ALA A 55 -5.43 4.09 6.73
N PHE A 56 -4.59 3.24 7.32
CA PHE A 56 -3.43 2.68 6.65
C PHE A 56 -3.29 1.20 6.93
N GLY A 57 -3.00 0.44 5.89
CA GLY A 57 -2.49 -0.91 6.07
C GLY A 57 -0.97 -0.82 6.10
N VAL A 58 -0.36 -1.55 7.02
CA VAL A 58 1.10 -1.65 7.06
C VAL A 58 1.50 -3.07 6.71
N LEU A 59 1.93 -3.23 5.46
CA LEU A 59 2.44 -4.49 4.93
C LEU A 59 3.91 -4.26 4.63
N LEU A 60 4.76 -5.06 5.26
CA LEU A 60 6.23 -4.97 5.09
C LEU A 60 6.76 -3.53 5.23
N ASP A 61 6.73 -3.02 6.46
CA ASP A 61 7.31 -1.71 6.81
C ASP A 61 6.52 -0.47 6.35
N VAL A 62 6.18 -0.40 5.06
CA VAL A 62 5.58 0.82 4.50
C VAL A 62 4.08 1.00 4.81
N PRO A 63 3.69 2.20 5.30
CA PRO A 63 2.27 2.45 5.53
C PRO A 63 1.57 2.87 4.24
N VAL A 64 0.55 2.10 3.86
CA VAL A 64 -0.18 2.33 2.63
C VAL A 64 -1.61 2.83 2.89
N PRO A 65 -1.97 3.98 2.30
CA PRO A 65 -3.29 4.61 2.47
C PRO A 65 -4.44 3.75 1.99
N PHE A 66 -5.49 3.70 2.78
CA PHE A 66 -6.72 3.01 2.45
C PHE A 66 -7.92 3.93 2.61
N PRO A 67 -8.76 4.04 1.56
CA PRO A 67 -9.93 4.93 1.56
C PRO A 67 -10.96 4.61 2.63
N LEU A 68 -11.57 5.65 3.18
CA LEU A 68 -12.68 5.49 4.13
C LEU A 68 -13.96 6.09 3.56
N LYS A 69 -15.09 5.49 3.93
CA LYS A 69 -16.43 5.99 3.56
C LYS A 69 -16.59 7.49 3.86
N LYS A 70 -16.63 7.84 5.15
CA LYS A 70 -16.83 9.23 5.57
C LYS A 70 -15.68 9.71 6.47
N PRO A 71 -14.57 10.14 5.86
CA PRO A 71 -13.37 10.54 6.61
C PRO A 71 -13.49 11.88 7.33
N GLU A 72 -14.45 12.71 6.95
CA GLU A 72 -14.75 13.93 7.69
C GLU A 72 -15.73 13.61 8.82
N ILE A 73 -15.19 13.09 9.91
CA ILE A 73 -16.00 12.46 10.93
C ILE A 73 -16.96 13.44 11.66
N CYS A 74 -16.63 14.74 11.67
CA CYS A 74 -17.50 15.76 12.27
C CYS A 74 -18.78 16.00 11.47
N LYS A 75 -18.76 15.62 10.19
CA LYS A 75 -19.88 15.82 9.26
C LYS A 75 -20.67 14.54 8.95
N ASP A 76 -20.33 13.48 9.67
CA ASP A 76 -20.96 12.17 9.54
C ASP A 76 -21.85 11.97 10.76
N PRO A 77 -23.18 11.82 10.56
CA PRO A 77 -24.11 11.76 11.70
C PRO A 77 -23.91 10.58 12.66
N ASP A 78 -23.32 9.50 12.17
CA ASP A 78 -23.11 8.30 13.00
C ASP A 78 -21.83 8.31 13.82
N SER A 79 -21.03 9.36 13.71
CA SER A 79 -19.73 9.35 14.36
C SER A 79 -19.81 9.58 15.87
N GLY A 80 -20.88 10.24 16.32
CA GLY A 80 -20.98 10.66 17.74
C GLY A 80 -20.19 11.92 18.04
N VAL A 81 -19.51 12.45 17.03
CA VAL A 81 -18.58 13.57 17.22
C VAL A 81 -18.94 14.78 16.40
N LYS A 82 -19.08 15.90 17.07
CA LYS A 82 -19.40 17.16 16.37
C LYS A 82 -18.29 18.18 16.58
N CYS A 83 -18.01 18.95 15.54
CA CYS A 83 -17.06 20.06 15.55
C CYS A 83 -17.78 21.38 15.88
N PRO A 84 -17.09 22.31 16.56
CA PRO A 84 -15.68 22.23 16.88
C PRO A 84 -15.39 21.31 18.08
N LEU A 85 -14.19 20.76 18.14
CA LEU A 85 -13.78 20.02 19.34
C LEU A 85 -13.19 20.98 20.33
N LYS A 86 -13.67 20.97 21.59
CA LYS A 86 -13.10 21.84 22.61
C LYS A 86 -11.76 21.29 23.14
N LYS A 87 -10.76 22.15 23.26
CA LYS A 87 -9.47 21.70 23.80
C LYS A 87 -9.64 21.05 25.17
N ASP A 88 -8.86 19.99 25.41
CA ASP A 88 -8.78 19.35 26.74
C ASP A 88 -10.07 18.66 27.18
N VAL A 89 -11.00 18.47 26.27
CA VAL A 89 -12.22 17.71 26.59
C VAL A 89 -12.17 16.35 25.93
N GLU A 90 -12.40 15.30 26.71
CA GLU A 90 -12.49 13.96 26.15
C GLU A 90 -13.82 13.67 25.50
N ILE A 91 -13.78 13.10 24.30
CA ILE A 91 -15.00 12.69 23.58
C ILE A 91 -14.79 11.29 22.98
N GLU A 92 -15.87 10.73 22.46
CA GLU A 92 -15.87 9.38 21.92
C GLU A 92 -16.33 9.33 20.47
N TYR A 93 -15.52 8.70 19.65
CA TYR A 93 -15.84 8.46 18.25
C TYR A 93 -16.34 7.04 18.15
N LYS A 94 -17.39 6.83 17.33
CA LYS A 94 -17.86 5.45 17.05
C LYS A 94 -18.00 5.25 15.56
N VAL A 95 -17.65 4.06 15.11
CA VAL A 95 -17.83 3.69 13.71
C VAL A 95 -18.14 2.20 13.62
N THR A 96 -19.08 1.85 12.74
CA THR A 96 -19.27 0.47 12.34
C THR A 96 -18.74 0.30 10.93
N PHE A 97 -17.93 -0.73 10.73
CA PHE A 97 -17.56 -1.09 9.37
C PHE A 97 -17.76 -2.58 9.10
N PHE A 98 -17.60 -2.94 7.83
CA PHE A 98 -17.92 -4.25 7.34
C PHE A 98 -16.79 -4.59 6.41
N VAL A 99 -16.06 -5.65 6.75
CA VAL A 99 -14.95 -6.07 5.91
C VAL A 99 -15.50 -6.90 4.75
N GLU A 100 -15.19 -6.46 3.53
CA GLU A 100 -15.72 -7.10 2.32
C GLU A 100 -15.11 -8.47 2.09
N LYS A 101 -15.91 -9.38 1.54
CA LYS A 101 -15.49 -10.73 1.12
C LYS A 101 -14.19 -10.72 0.31
N ALA A 102 -14.05 -9.72 -0.56
CA ALA A 102 -12.90 -9.61 -1.46
C ALA A 102 -11.58 -9.27 -0.77
N THR A 103 -11.66 -8.77 0.47
CA THR A 103 -10.47 -8.45 1.27
C THR A 103 -9.61 -9.70 1.49
N PRO A 104 -8.29 -9.60 1.23
CA PRO A 104 -7.37 -10.73 1.34
C PRO A 104 -7.13 -11.16 2.79
N ALA A 105 -7.00 -12.46 3.02
CA ALA A 105 -6.69 -12.99 4.34
C ALA A 105 -5.20 -12.90 4.64
N LEU A 106 -4.83 -11.94 5.50
CA LEU A 106 -3.42 -11.76 5.85
C LEU A 106 -3.24 -11.13 7.24
N SER A 107 -2.01 -11.17 7.73
CA SER A 107 -1.62 -10.45 8.95
C SER A 107 -0.94 -9.15 8.54
N LEU A 108 -1.25 -8.09 9.29
CA LEU A 108 -0.80 -6.75 8.92
C LEU A 108 -0.97 -5.88 10.14
N GLU A 109 -0.39 -4.69 10.07
CA GLU A 109 -0.64 -3.68 11.08
C GLU A 109 -1.58 -2.65 10.51
N ILE A 110 -2.52 -2.20 11.32
CA ILE A 110 -3.50 -1.23 10.91
C ILE A 110 -3.20 0.07 11.65
N MET A 111 -3.15 1.17 10.90
CA MET A 111 -2.98 2.50 11.44
C MET A 111 -4.20 3.39 11.10
N TRP A 112 -4.68 4.10 12.14
CA TRP A 112 -5.78 5.06 12.05
C TRP A 112 -5.28 6.41 12.57
N GLU A 113 -5.48 7.47 11.79
CA GLU A 113 -5.09 8.83 12.21
C GLU A 113 -6.28 9.76 12.19
N PHE A 114 -6.39 10.64 13.19
CA PHE A 114 -7.28 11.78 13.11
C PHE A 114 -6.45 13.03 12.93
N ARG A 115 -6.83 13.86 11.98
CA ARG A 115 -6.06 15.05 11.71
C ARG A 115 -6.96 16.26 11.80
N ASN A 116 -6.39 17.39 12.24
CA ASN A 116 -7.18 18.61 12.27
C ASN A 116 -7.20 19.30 10.89
N GLU A 117 -7.72 20.53 10.86
CA GLU A 117 -7.84 21.32 9.65
C GLU A 117 -6.48 21.81 9.14
N LYS A 118 -5.48 21.74 10.00
CA LYS A 118 -4.11 22.10 9.65
C LYS A 118 -3.24 20.91 9.27
N ASP A 119 -3.86 19.74 9.08
CA ASP A 119 -3.14 18.50 8.76
C ASP A 119 -2.18 18.04 9.88
N GLU A 120 -2.47 18.45 11.12
CA GLU A 120 -1.74 17.96 12.31
C GLU A 120 -2.50 16.80 12.97
N LYS A 121 -1.74 15.79 13.39
CA LYS A 121 -2.31 14.58 13.96
C LYS A 121 -2.87 14.86 15.37
N ILE A 122 -4.17 14.63 15.55
CA ILE A 122 -4.84 14.63 16.86
C ILE A 122 -4.60 13.27 17.57
N THR A 123 -4.73 12.20 16.79
CA THR A 123 -4.52 10.83 17.30
C THR A 123 -3.86 10.01 16.22
N CYS A 124 -3.08 9.00 16.63
CA CYS A 124 -2.43 8.06 15.72
C CYS A 124 -2.30 6.78 16.51
N VAL A 125 -3.01 5.75 16.07
CA VAL A 125 -2.90 4.45 16.74
C VAL A 125 -2.52 3.38 15.73
N LYS A 126 -1.74 2.40 16.17
CA LYS A 126 -1.35 1.29 15.32
C LYS A 126 -1.43 0.01 16.15
N PHE A 127 -1.85 -1.07 15.50
CA PHE A 127 -2.10 -2.32 16.21
C PHE A 127 -1.97 -3.46 15.25
N PRO A 128 -1.62 -4.65 15.74
CA PRO A 128 -1.44 -5.81 14.86
C PRO A 128 -2.79 -6.50 14.58
N ALA A 129 -3.04 -6.85 13.32
CA ALA A 129 -4.33 -7.44 12.97
C ALA A 129 -4.18 -8.66 12.07
N LYS A 130 -5.16 -9.56 12.13
CA LYS A 130 -5.24 -10.68 11.19
C LYS A 130 -6.63 -10.76 10.58
N ILE A 131 -6.69 -10.61 9.26
CA ILE A 131 -7.95 -10.67 8.51
C ILE A 131 -8.29 -12.12 8.16
N LYS A 132 -9.54 -12.50 8.47
CA LYS A 132 -10.10 -13.86 8.36
C LYS A 132 -9.80 -14.66 9.63
N PHE B 1 -2.15 -15.71 -19.59
CA PHE B 1 -2.29 -14.31 -19.07
C PHE B 1 -1.62 -13.29 -19.98
N VAL B 2 -1.94 -12.03 -19.75
CA VAL B 2 -1.39 -10.96 -20.55
C VAL B 2 -0.58 -10.02 -19.65
N PHE B 3 0.54 -9.54 -20.16
CA PHE B 3 1.32 -8.46 -19.53
C PHE B 3 0.71 -7.18 -20.05
N GLU B 4 -0.23 -6.65 -19.28
CA GLU B 4 -1.03 -5.51 -19.69
C GLU B 4 -0.27 -4.18 -19.54
N ASP B 5 -0.42 -3.30 -20.52
CA ASP B 5 0.15 -1.96 -20.43
C ASP B 5 -0.78 -1.06 -19.60
N CYS B 6 -0.35 -0.72 -18.39
CA CYS B 6 -1.12 0.19 -17.52
C CYS B 6 -0.88 1.69 -17.79
N GLY B 7 -0.33 2.00 -18.96
CA GLY B 7 -0.19 3.38 -19.43
C GLY B 7 1.16 4.02 -19.14
N SER B 8 1.84 4.45 -20.20
CA SER B 8 3.09 5.17 -20.03
C SER B 8 3.19 6.32 -21.05
N GLU B 9 3.69 7.46 -20.59
CA GLU B 9 3.63 8.66 -21.42
C GLU B 9 4.85 8.81 -22.32
N VAL B 10 5.99 8.31 -21.86
CA VAL B 10 7.28 8.55 -22.51
C VAL B 10 7.99 7.24 -22.89
N GLY B 11 7.21 6.25 -23.34
CA GLY B 11 7.76 5.02 -23.87
C GLY B 11 6.80 3.85 -23.92
N LYS B 12 7.31 2.72 -24.39
CA LYS B 12 6.56 1.47 -24.48
C LYS B 12 7.47 0.26 -24.24
N PHE B 13 6.88 -0.88 -23.91
CA PHE B 13 7.59 -2.14 -23.88
C PHE B 13 7.03 -3.14 -24.89
N SER B 14 7.90 -4.04 -25.34
CA SER B 14 7.49 -5.08 -26.27
C SER B 14 7.30 -6.40 -25.53
N ASP B 15 8.40 -7.10 -25.24
CA ASP B 15 8.35 -8.43 -24.66
C ASP B 15 8.75 -8.45 -23.19
N ILE B 16 8.01 -9.20 -22.39
CA ILE B 16 8.41 -9.49 -21.01
C ILE B 16 8.57 -10.99 -20.85
N ILE B 17 9.68 -11.41 -20.24
CA ILE B 17 9.90 -12.81 -19.87
C ILE B 17 10.18 -12.94 -18.39
N ILE B 18 9.47 -13.84 -17.73
CA ILE B 18 9.69 -14.18 -16.34
C ILE B 18 9.91 -15.69 -16.26
N SER B 19 11.09 -16.07 -15.80
CA SER B 19 11.52 -17.47 -15.79
C SER B 19 10.53 -18.43 -15.08
N SER B 20 9.79 -17.90 -14.11
CA SER B 20 8.84 -18.70 -13.33
C SER B 20 7.64 -19.17 -14.12
N CYS B 21 7.21 -18.38 -15.10
CA CYS B 21 5.92 -18.59 -15.69
C CYS B 21 5.90 -18.42 -17.20
N ASP B 22 4.76 -18.76 -17.79
CA ASP B 22 4.55 -18.69 -19.23
C ASP B 22 3.22 -17.99 -19.49
N PRO B 23 3.18 -17.09 -20.50
CA PRO B 23 1.96 -16.39 -20.86
C PRO B 23 0.76 -17.30 -21.22
N SER B 24 1.01 -18.60 -21.40
CA SER B 24 -0.07 -19.58 -21.63
C SER B 24 -0.86 -19.94 -20.37
N GLU B 25 -0.31 -19.64 -19.21
CA GLU B 25 -0.93 -20.01 -17.93
C GLU B 25 -1.92 -18.93 -17.44
N GLU B 26 -2.85 -19.33 -16.56
CA GLU B 26 -3.85 -18.44 -15.97
C GLU B 26 -3.21 -17.28 -15.20
N LYS B 27 -2.15 -17.59 -14.46
CA LYS B 27 -1.41 -16.58 -13.72
C LYS B 27 0.07 -16.91 -13.70
N CYS B 28 0.89 -15.95 -13.29
CA CYS B 28 2.32 -16.15 -13.13
C CYS B 28 2.63 -16.66 -11.72
N SER B 29 2.96 -17.94 -11.64
CA SER B 29 3.31 -18.55 -10.37
C SER B 29 4.71 -18.14 -9.98
N ILE B 30 4.84 -17.62 -8.76
CA ILE B 30 6.12 -17.16 -8.24
C ILE B 30 6.40 -17.89 -6.92
N ILE B 31 7.41 -18.76 -6.95
CA ILE B 31 7.80 -19.56 -5.79
C ILE B 31 8.73 -18.78 -4.88
N ARG B 32 8.39 -18.73 -3.60
CA ARG B 32 9.21 -18.09 -2.57
C ARG B 32 10.50 -18.89 -2.32
N GLU B 33 11.59 -18.17 -2.05
CA GLU B 33 12.92 -18.78 -1.84
C GLU B 33 13.55 -19.31 -3.15
N SER B 34 13.10 -18.76 -4.28
CA SER B 34 13.65 -19.11 -5.60
C SER B 34 14.20 -17.88 -6.30
N GLU B 35 15.19 -18.13 -7.16
CA GLU B 35 15.75 -17.08 -8.01
C GLU B 35 14.91 -16.95 -9.26
N ILE B 36 14.36 -15.76 -9.48
CA ILE B 36 13.52 -15.50 -10.65
C ILE B 36 14.25 -14.55 -11.57
N HIS B 37 14.31 -14.89 -12.86
CA HIS B 37 14.97 -14.05 -13.84
C HIS B 37 13.91 -13.32 -14.64
N VAL B 38 14.11 -12.01 -14.79
CA VAL B 38 13.15 -11.14 -15.46
C VAL B 38 13.86 -10.32 -16.54
N SER B 39 13.27 -10.34 -17.73
CA SER B 39 13.73 -9.61 -18.90
C SER B 39 12.58 -8.74 -19.43
N MET B 40 12.91 -7.52 -19.85
CA MET B 40 11.93 -6.62 -20.43
C MET B 40 12.59 -5.81 -21.52
N LYS B 41 12.03 -5.90 -22.71
CA LYS B 41 12.50 -5.14 -23.86
C LYS B 41 11.61 -3.92 -23.90
N PHE B 42 12.21 -2.73 -24.02
CA PHE B 42 11.44 -1.47 -24.02
C PHE B 42 12.11 -0.36 -24.82
N THR B 43 11.30 0.61 -25.25
CA THR B 43 11.75 1.70 -26.10
C THR B 43 11.25 3.05 -25.53
N PRO B 44 12.18 3.90 -25.03
CA PRO B 44 11.76 5.27 -24.68
C PRO B 44 11.32 6.06 -25.90
N SER B 45 10.36 6.97 -25.72
CA SER B 45 9.89 7.87 -26.78
C SER B 45 10.55 9.25 -26.69
N VAL B 46 11.28 9.47 -25.60
CA VAL B 46 12.09 10.69 -25.41
C VAL B 46 13.47 10.22 -24.92
N ASP B 47 14.49 11.05 -25.11
CA ASP B 47 15.77 10.83 -24.45
C ASP B 47 15.47 10.83 -22.95
N VAL B 48 15.99 9.82 -22.25
CA VAL B 48 15.80 9.71 -20.81
C VAL B 48 17.14 9.86 -20.14
N LYS B 49 17.22 10.76 -19.16
CA LYS B 49 18.46 11.05 -18.44
C LYS B 49 18.73 10.04 -17.34
N ASN B 50 17.68 9.57 -16.69
CA ASN B 50 17.79 8.58 -15.61
C ASN B 50 16.47 7.81 -15.47
N VAL B 51 16.55 6.57 -14.97
CA VAL B 51 15.35 5.77 -14.78
C VAL B 51 15.23 5.33 -13.32
N GLU B 52 14.00 5.36 -12.81
CA GLU B 52 13.69 4.88 -11.46
C GLU B 52 12.60 3.81 -11.58
N ALA B 53 12.88 2.60 -11.07
CA ALA B 53 11.92 1.50 -11.08
C ALA B 53 11.13 1.41 -9.78
N LYS B 54 9.86 0.99 -9.89
CA LYS B 54 8.95 0.80 -8.75
C LYS B 54 8.10 -0.44 -9.00
N ALA B 55 7.90 -1.25 -7.95
CA ALA B 55 7.06 -2.44 -8.06
C ALA B 55 5.94 -2.46 -7.03
N PHE B 56 4.72 -2.83 -7.45
CA PHE B 56 3.55 -2.83 -6.58
C PHE B 56 2.82 -4.17 -6.60
N GLY B 57 2.23 -4.52 -5.46
CA GLY B 57 1.28 -5.64 -5.37
C GLY B 57 -0.11 -5.14 -5.06
N VAL B 58 -1.07 -5.39 -5.94
CA VAL B 58 -2.41 -4.82 -5.80
C VAL B 58 -3.24 -5.51 -4.71
N LEU B 59 -3.63 -4.72 -3.70
CA LEU B 59 -4.46 -5.19 -2.59
C LEU B 59 -5.68 -4.28 -2.46
N LEU B 60 -6.87 -4.88 -2.51
CA LEU B 60 -8.15 -4.14 -2.43
C LEU B 60 -8.24 -2.97 -3.42
N ASP B 61 -7.76 -3.18 -4.65
CA ASP B 61 -7.70 -2.13 -5.68
C ASP B 61 -6.71 -0.99 -5.39
N VAL B 62 -5.81 -1.21 -4.44
CA VAL B 62 -4.80 -0.22 -4.07
C VAL B 62 -3.39 -0.83 -4.15
N PRO B 63 -2.40 -0.05 -4.66
CA PRO B 63 -1.05 -0.57 -4.89
C PRO B 63 -0.12 -0.47 -3.67
N VAL B 64 0.26 -1.64 -3.15
CA VAL B 64 1.19 -1.80 -2.03
C VAL B 64 2.63 -1.95 -2.57
N PRO B 65 3.51 -0.95 -2.34
CA PRO B 65 4.89 -1.00 -2.84
C PRO B 65 5.70 -2.17 -2.28
N PHE B 66 6.40 -2.86 -3.17
CA PHE B 66 7.30 -3.96 -2.82
C PHE B 66 8.74 -3.44 -2.92
N PRO B 67 9.58 -3.72 -1.91
CA PRO B 67 10.95 -3.21 -1.91
C PRO B 67 11.79 -3.79 -3.06
N LEU B 68 12.63 -2.94 -3.65
CA LEU B 68 13.53 -3.38 -4.72
C LEU B 68 14.96 -3.05 -4.34
N LYS B 69 15.85 -4.00 -4.56
CA LYS B 69 17.27 -3.86 -4.21
C LYS B 69 17.95 -2.67 -4.89
N LYS B 70 17.64 -2.45 -6.16
CA LYS B 70 18.29 -1.40 -6.95
C LYS B 70 17.32 -0.67 -7.89
N PRO B 71 16.55 0.30 -7.37
CA PRO B 71 15.53 1.00 -8.16
C PRO B 71 16.07 1.90 -9.28
N GLU B 72 17.29 2.42 -9.11
CA GLU B 72 17.93 3.24 -10.15
C GLU B 72 18.64 2.32 -11.14
N ILE B 73 17.91 1.92 -12.18
CA ILE B 73 18.38 0.85 -13.05
C ILE B 73 19.67 1.19 -13.84
N CYS B 74 19.83 2.45 -14.25
CA CYS B 74 21.03 2.94 -14.97
C CYS B 74 22.32 2.97 -14.13
N LYS B 75 22.19 2.93 -12.80
CA LYS B 75 23.34 2.92 -11.89
C LYS B 75 23.72 1.49 -11.45
N ASP B 76 22.86 0.53 -11.77
CA ASP B 76 23.08 -0.90 -11.49
C ASP B 76 23.82 -1.59 -12.64
N PRO B 77 25.08 -2.02 -12.40
CA PRO B 77 25.93 -2.57 -13.46
C PRO B 77 25.42 -3.89 -14.07
N ASP B 78 24.47 -4.53 -13.39
CA ASP B 78 23.92 -5.80 -13.85
C ASP B 78 22.57 -5.67 -14.57
N SER B 79 22.04 -4.45 -14.65
CA SER B 79 20.77 -4.20 -15.30
C SER B 79 20.85 -4.37 -16.82
N GLY B 80 22.07 -4.32 -17.34
CA GLY B 80 22.33 -4.28 -18.77
C GLY B 80 21.92 -2.99 -19.45
N VAL B 81 21.52 -1.99 -18.66
CA VAL B 81 21.04 -0.72 -19.22
C VAL B 81 21.84 0.48 -18.73
N LYS B 82 22.29 1.30 -19.67
CA LYS B 82 23.06 2.49 -19.35
C LYS B 82 22.34 3.76 -19.81
N CYS B 83 22.48 4.82 -19.03
CA CYS B 83 21.88 6.10 -19.36
C CYS B 83 22.94 7.03 -20.00
N PRO B 84 22.52 8.02 -20.81
CA PRO B 84 21.17 8.40 -21.20
C PRO B 84 20.53 7.43 -22.20
N LEU B 85 19.22 7.21 -22.08
CA LEU B 85 18.50 6.38 -23.03
C LEU B 85 18.24 7.21 -24.28
N LYS B 86 18.55 6.65 -25.44
CA LYS B 86 18.26 7.32 -26.70
C LYS B 86 16.82 7.08 -27.16
N LYS B 87 16.12 8.13 -27.60
CA LYS B 87 14.72 7.98 -27.97
C LYS B 87 14.58 7.11 -29.19
N ASP B 88 13.54 6.27 -29.21
CA ASP B 88 13.23 5.38 -30.37
C ASP B 88 14.20 4.22 -30.56
N VAL B 89 14.98 3.91 -29.52
CA VAL B 89 15.91 2.79 -29.58
C VAL B 89 15.52 1.74 -28.55
N GLU B 90 15.23 0.52 -29.02
CA GLU B 90 14.83 -0.56 -28.14
C GLU B 90 16.02 -1.08 -27.35
N ILE B 91 15.83 -1.30 -26.05
CA ILE B 91 16.89 -1.86 -25.20
C ILE B 91 16.28 -2.90 -24.26
N GLU B 92 17.15 -3.60 -23.55
CA GLU B 92 16.71 -4.70 -22.73
C GLU B 92 17.24 -4.60 -21.30
N TYR B 93 16.30 -4.60 -20.37
CA TYR B 93 16.61 -4.60 -18.95
C TYR B 93 16.51 -6.03 -18.41
N LYS B 94 17.46 -6.41 -17.57
CA LYS B 94 17.50 -7.73 -16.92
C LYS B 94 17.65 -7.62 -15.40
N VAL B 95 16.92 -8.45 -14.66
CA VAL B 95 17.06 -8.51 -13.21
C VAL B 95 16.74 -9.91 -12.70
N THR B 96 17.59 -10.37 -11.78
CA THR B 96 17.35 -11.58 -11.01
C THR B 96 17.03 -11.09 -9.59
N PHE B 97 15.91 -11.53 -9.03
CA PHE B 97 15.55 -11.16 -7.66
C PHE B 97 15.12 -12.37 -6.82
N PHE B 98 15.01 -12.14 -5.51
CA PHE B 98 14.52 -13.13 -4.57
C PHE B 98 13.17 -12.71 -4.01
N VAL B 99 12.32 -13.69 -3.74
CA VAL B 99 11.09 -13.45 -3.00
C VAL B 99 11.26 -14.00 -1.59
N GLU B 100 11.08 -13.13 -0.59
CA GLU B 100 11.30 -13.45 0.83
C GLU B 100 10.39 -14.59 1.30
N LYS B 101 10.91 -15.44 2.19
CA LYS B 101 10.16 -16.57 2.73
C LYS B 101 8.89 -16.14 3.47
N ALA B 102 8.89 -14.89 3.95
CA ALA B 102 7.78 -14.34 4.73
C ALA B 102 6.82 -13.50 3.89
N THR B 103 6.93 -13.61 2.56
CA THR B 103 6.02 -12.90 1.64
C THR B 103 4.65 -13.59 1.65
N PRO B 104 3.57 -12.78 1.80
CA PRO B 104 2.19 -13.31 1.85
C PRO B 104 1.83 -14.18 0.65
N ALA B 105 1.74 -15.49 0.88
CA ALA B 105 1.37 -16.45 -0.15
C ALA B 105 -0.09 -16.27 -0.59
N LEU B 106 -0.31 -15.42 -1.60
CA LEU B 106 -1.66 -15.18 -2.14
C LEU B 106 -1.66 -14.88 -3.65
N SER B 107 -2.86 -14.86 -4.24
CA SER B 107 -3.05 -14.41 -5.62
C SER B 107 -3.29 -12.90 -5.66
N LEU B 108 -2.58 -12.22 -6.55
CA LEU B 108 -2.68 -10.76 -6.67
C LEU B 108 -2.20 -10.25 -8.03
N GLU B 109 -2.42 -8.97 -8.26
CA GLU B 109 -1.96 -8.32 -9.49
C GLU B 109 -0.65 -7.60 -9.18
N ILE B 110 0.36 -7.77 -10.04
CA ILE B 110 1.67 -7.13 -9.84
C ILE B 110 1.86 -6.02 -10.86
N MET B 111 2.38 -4.88 -10.42
CA MET B 111 2.66 -3.74 -11.29
C MET B 111 4.12 -3.34 -11.24
N TRP B 112 4.73 -3.21 -12.42
CA TRP B 112 6.11 -2.75 -12.56
C TRP B 112 6.18 -1.49 -13.39
N GLU B 113 6.94 -0.51 -12.93
CA GLU B 113 7.02 0.79 -13.60
C GLU B 113 8.46 1.25 -13.80
N PHE B 114 8.73 1.85 -14.97
CA PHE B 114 9.99 2.57 -15.19
C PHE B 114 9.59 4.02 -15.38
N ARG B 115 10.18 4.90 -14.59
CA ARG B 115 9.90 6.32 -14.69
C ARG B 115 11.17 7.08 -15.05
N ASN B 116 11.04 8.19 -15.77
CA ASN B 116 12.18 9.06 -16.04
C ASN B 116 12.44 10.02 -14.87
N GLU B 117 13.35 10.97 -15.09
CA GLU B 117 13.75 11.96 -14.07
C GLU B 117 12.62 12.92 -13.72
N LYS B 118 11.72 13.13 -14.69
CA LYS B 118 10.57 14.02 -14.53
C LYS B 118 9.36 13.29 -13.94
N ASP B 119 9.58 12.06 -13.47
CA ASP B 119 8.53 11.23 -12.86
C ASP B 119 7.41 10.86 -13.86
N GLU B 120 7.77 10.81 -15.14
CA GLU B 120 6.92 10.33 -16.25
C GLU B 120 7.20 8.85 -16.55
N LYS B 121 6.12 8.08 -16.70
CA LYS B 121 6.18 6.63 -16.97
C LYS B 121 6.78 6.33 -18.34
N ILE B 122 7.92 5.65 -18.36
CA ILE B 122 8.50 5.08 -19.58
C ILE B 122 7.71 3.82 -19.94
N THR B 123 7.50 2.95 -18.94
CA THR B 123 6.71 1.74 -19.10
C THR B 123 5.86 1.47 -17.87
N CYS B 124 4.75 0.77 -18.07
CA CYS B 124 3.90 0.29 -16.99
C CYS B 124 3.37 -1.08 -17.36
N VAL B 125 3.66 -2.08 -16.51
CA VAL B 125 3.29 -3.46 -16.83
C VAL B 125 2.52 -4.04 -15.67
N LYS B 126 1.39 -4.68 -15.96
CA LYS B 126 0.53 -5.29 -14.95
C LYS B 126 0.25 -6.73 -15.36
N PHE B 127 0.21 -7.64 -14.38
CA PHE B 127 -0.05 -9.04 -14.66
C PHE B 127 -0.54 -9.79 -13.43
N PRO B 128 -1.41 -10.79 -13.63
CA PRO B 128 -1.88 -11.56 -12.48
C PRO B 128 -0.83 -12.57 -11.96
N ALA B 129 -0.57 -12.56 -10.65
CA ALA B 129 0.43 -13.45 -10.07
C ALA B 129 -0.12 -14.34 -8.96
N LYS B 130 0.59 -15.41 -8.66
CA LYS B 130 0.24 -16.27 -7.52
C LYS B 130 1.50 -16.62 -6.76
N ILE B 131 1.76 -15.85 -5.71
CA ILE B 131 2.93 -16.04 -4.85
C ILE B 131 2.70 -17.24 -3.93
N LYS B 132 3.59 -18.23 -4.01
CA LYS B 132 3.47 -19.48 -3.25
C LYS B 132 4.82 -20.00 -2.75
#